data_3TGH
#
_entry.id   3TGH
#
_cell.length_a   57.648
_cell.length_b   57.648
_cell.length_c   210.625
_cell.angle_alpha   90.00
_cell.angle_beta   90.00
_cell.angle_gamma   120.00
#
_symmetry.space_group_name_H-M   'P 32 2 1'
#
loop_
_entity.id
_entity.type
_entity.pdbx_description
1 polymer 'Glideosome-associated protein 50'
2 non-polymer 'SULFATE ION'
3 non-polymer 'COBALT (II) ION'
4 non-polymer 'DIMETHYL SULFOXIDE'
5 water water
#
_entity_poly.entity_id   1
_entity_poly.type   'polypeptide(L)'
_entity_poly.pdbx_seq_one_letter_code
;KCQLRFASLGDWGKDTKGQILNAKYFKQFIKNERVTFIVSPGSNFIDGVKGLNDPAWKNLYEDVYSEEKGDMYMPFFTVL
GTRDWTGNYNAQLLKGQGIYIEKNGETSIEKDADATNYPKWIMPNYWYHYFTHFTVSSGPSIVKTGHKDLAAAFIFIDTW
VLSSNFPYKKIHEKAWNDLKSQLSVAKKIADFIIVVGDQPIYSSGYSRGSSYLAYYLLPLLKDAEVDLYISGHDNNMEVI
EDNDMAHITCGSGSMSQGKSGMKNSKSLFFSSDIGFCVHELSNNGIVTKFVSSKKGEVIYTHKLNIKKKKTLDKVNALQH
FAALPNVELTDVPSSGPMGNKD
;
_entity_poly.pdbx_strand_id   A
#
loop_
_chem_comp.id
_chem_comp.type
_chem_comp.name
_chem_comp.formula
CO non-polymer 'COBALT (II) ION' 'Co 2'
DMS non-polymer 'DIMETHYL SULFOXIDE' 'C2 H6 O S'
SO4 non-polymer 'SULFATE ION' 'O4 S -2'
#
# COMPACT_ATOMS: atom_id res chain seq x y z
N LYS A 1 -8.85 -4.65 -21.94
CA LYS A 1 -9.71 -4.02 -20.89
C LYS A 1 -9.29 -2.57 -20.62
N CYS A 2 -10.28 -1.70 -20.42
CA CYS A 2 -10.06 -0.26 -20.32
C CYS A 2 -9.91 0.26 -18.88
N GLN A 3 -9.52 -0.63 -17.96
CA GLN A 3 -9.33 -0.26 -16.56
C GLN A 3 -8.11 -0.97 -15.96
N LEU A 4 -7.64 -0.45 -14.83
CA LEU A 4 -6.64 -1.13 -14.01
C LEU A 4 -7.28 -1.35 -12.64
N ARG A 5 -7.27 -2.60 -12.18
CA ARG A 5 -7.92 -2.97 -10.93
C ARG A 5 -6.96 -3.69 -10.00
N PHE A 6 -6.91 -3.19 -8.76
CA PHE A 6 -6.05 -3.75 -7.74
C PHE A 6 -6.78 -3.77 -6.41
N ALA A 7 -6.32 -4.62 -5.50
CA ALA A 7 -6.89 -4.72 -4.17
C ALA A 7 -5.87 -4.30 -3.13
N SER A 8 -6.36 -3.84 -1.99
CA SER A 8 -5.52 -3.47 -0.84
C SER A 8 -5.91 -4.33 0.36
N LEU A 9 -4.91 -4.88 1.03
CA LEU A 9 -5.09 -5.72 2.21
C LEU A 9 -4.01 -5.36 3.24
N GLY A 10 -4.40 -4.91 4.42
CA GLY A 10 -3.43 -4.43 5.42
C GLY A 10 -3.49 -5.12 6.76
N ASP A 11 -2.33 -5.25 7.41
CA ASP A 11 -2.25 -5.78 8.78
C ASP A 11 -2.94 -7.13 8.92
N TRP A 12 -2.61 -8.01 7.98
CA TRP A 12 -3.38 -9.22 7.68
C TRP A 12 -2.81 -10.48 8.34
N GLY A 13 -1.55 -10.42 8.78
CA GLY A 13 -0.84 -11.61 9.24
C GLY A 13 -1.01 -11.98 10.69
N LYS A 14 -2.18 -12.54 11.01
CA LYS A 14 -2.47 -13.06 12.35
C LYS A 14 -3.54 -14.13 12.24
N ASP A 15 -3.36 -15.23 12.97
CA ASP A 15 -4.31 -16.34 12.92
C ASP A 15 -5.54 -16.00 13.78
N THR A 16 -6.56 -15.44 13.11
CA THR A 16 -7.83 -15.12 13.74
C THR A 16 -8.95 -15.65 12.85
N LYS A 17 -10.14 -15.85 13.42
CA LYS A 17 -11.28 -16.25 12.60
C LYS A 17 -11.57 -15.17 11.54
N GLY A 18 -11.38 -13.91 11.91
CA GLY A 18 -11.53 -12.80 10.97
C GLY A 18 -10.61 -12.91 9.76
N GLN A 19 -9.35 -13.26 9.97
CA GLN A 19 -8.41 -13.39 8.85
C GLN A 19 -8.92 -14.38 7.80
N ILE A 20 -9.41 -15.51 8.28
CA ILE A 20 -9.82 -16.62 7.42
C ILE A 20 -11.12 -16.28 6.68
N LEU A 21 -12.08 -15.70 7.39
CA LEU A 21 -13.33 -15.24 6.78
C LEU A 21 -13.03 -14.16 5.73
N ASN A 22 -12.17 -13.22 6.08
CA ASN A 22 -11.79 -12.14 5.16
C ASN A 22 -11.11 -12.69 3.90
N ALA A 23 -10.24 -13.69 4.07
CA ALA A 23 -9.54 -14.31 2.95
C ALA A 23 -10.49 -14.93 1.93
N LYS A 24 -11.58 -15.51 2.42
CA LYS A 24 -12.61 -16.10 1.56
C LYS A 24 -13.21 -15.04 0.62
N TYR A 25 -13.64 -13.92 1.20
CA TYR A 25 -14.21 -12.83 0.40
C TYR A 25 -13.18 -12.14 -0.48
N PHE A 26 -11.96 -12.02 0.02
CA PHE A 26 -10.83 -11.47 -0.73
C PHE A 26 -10.64 -12.21 -2.05
N LYS A 27 -10.56 -13.54 -1.96
CA LYS A 27 -10.44 -14.40 -3.15
C LYS A 27 -11.62 -14.26 -4.10
N GLN A 28 -12.83 -14.21 -3.54
CA GLN A 28 -14.06 -14.08 -4.33
C GLN A 28 -14.05 -12.79 -5.15
N PHE A 29 -13.74 -11.68 -4.49
CA PHE A 29 -13.71 -10.37 -5.16
C PHE A 29 -12.58 -10.25 -6.17
N ILE A 30 -11.41 -10.76 -5.82
CA ILE A 30 -10.27 -10.71 -6.74
C ILE A 30 -10.61 -11.41 -8.06
N LYS A 31 -11.24 -12.57 -7.98
CA LYS A 31 -11.69 -13.30 -9.16
C LYS A 31 -12.79 -12.53 -9.90
N ASN A 32 -13.85 -12.16 -9.20
CA ASN A 32 -15.03 -11.59 -9.84
C ASN A 32 -14.81 -10.18 -10.40
N GLU A 33 -13.98 -9.40 -9.70
CA GLU A 33 -13.66 -8.02 -10.11
C GLU A 33 -12.48 -7.97 -11.09
N ARG A 34 -11.87 -9.11 -11.39
CA ARG A 34 -10.72 -9.19 -12.30
C ARG A 34 -9.56 -8.32 -11.79
N VAL A 35 -9.26 -8.45 -10.51
CA VAL A 35 -8.10 -7.78 -9.93
C VAL A 35 -6.82 -8.39 -10.50
N THR A 36 -5.85 -7.56 -10.85
CA THR A 36 -4.59 -8.06 -11.43
C THR A 36 -3.34 -7.91 -10.54
N PHE A 37 -3.45 -7.16 -9.44
CA PHE A 37 -2.41 -7.19 -8.41
C PHE A 37 -2.93 -6.68 -7.07
N ILE A 38 -2.16 -6.95 -6.04
CA ILE A 38 -2.52 -6.60 -4.67
C ILE A 38 -1.44 -5.67 -4.12
N VAL A 39 -1.84 -4.68 -3.35
CA VAL A 39 -0.91 -3.90 -2.55
C VAL A 39 -1.25 -4.13 -1.08
N SER A 40 -0.23 -4.05 -0.23
CA SER A 40 -0.44 -4.30 1.20
C SER A 40 0.08 -3.16 2.07
N PRO A 41 -0.81 -2.25 2.51
CA PRO A 41 -0.42 -1.23 3.46
C PRO A 41 -0.30 -1.82 4.86
N GLY A 42 0.04 -0.99 5.82
CA GLY A 42 0.16 -1.44 7.20
C GLY A 42 1.31 -2.39 7.40
N SER A 43 1.21 -3.22 8.42
CA SER A 43 2.18 -4.30 8.65
C SER A 43 1.77 -5.55 7.87
N ASN A 44 2.70 -6.47 7.74
CA ASN A 44 2.41 -7.80 7.20
C ASN A 44 2.07 -8.76 8.33
N PHE A 45 3.05 -9.06 9.16
CA PHE A 45 2.89 -10.01 10.23
C PHE A 45 2.77 -9.28 11.56
N ILE A 46 1.64 -9.47 12.23
CA ILE A 46 1.36 -8.74 13.45
C ILE A 46 2.36 -9.08 14.57
N ASP A 47 2.85 -10.32 14.61
CA ASP A 47 3.88 -10.70 15.58
C ASP A 47 5.27 -10.82 14.96
N GLY A 48 5.43 -10.31 13.74
CA GLY A 48 6.69 -10.43 12.99
C GLY A 48 6.94 -11.84 12.51
N VAL A 49 7.99 -12.02 11.71
CA VAL A 49 8.50 -13.36 11.41
C VAL A 49 9.91 -13.48 11.98
N LYS A 50 10.31 -14.72 12.25
CA LYS A 50 11.59 -15.00 12.90
C LYS A 50 12.71 -15.28 11.90
N GLY A 51 12.36 -15.52 10.65
CA GLY A 51 13.33 -15.83 9.62
C GLY A 51 12.66 -16.31 8.33
N LEU A 52 13.50 -16.70 7.37
CA LEU A 52 13.04 -17.17 6.06
C LEU A 52 12.20 -18.43 6.14
N ASN A 53 12.50 -19.30 7.11
CA ASN A 53 11.82 -20.59 7.24
C ASN A 53 10.85 -20.66 8.42
N ASP A 54 10.49 -19.50 8.97
CA ASP A 54 9.43 -19.42 9.98
C ASP A 54 8.17 -20.10 9.42
N PRO A 55 7.59 -21.06 10.16
CA PRO A 55 6.30 -21.65 9.76
C PRO A 55 5.21 -20.64 9.45
N ALA A 56 5.31 -19.43 10.05
CA ALA A 56 4.34 -18.37 9.83
C ALA A 56 4.15 -18.00 8.35
N TRP A 57 5.20 -18.10 7.54
CA TRP A 57 5.05 -17.85 6.10
C TRP A 57 3.99 -18.76 5.48
N LYS A 58 4.08 -20.05 5.79
CA LYS A 58 3.13 -21.03 5.30
C LYS A 58 1.76 -20.87 5.97
N ASN A 59 1.76 -20.77 7.30
CA ASN A 59 0.52 -20.78 8.09
C ASN A 59 -0.34 -19.53 7.97
N LEU A 60 0.29 -18.36 7.83
CA LEU A 60 -0.45 -17.09 7.79
C LEU A 60 -0.57 -16.46 6.42
N TYR A 61 0.21 -16.91 5.43
CA TYR A 61 0.17 -16.32 4.10
C TYR A 61 -0.13 -17.38 3.05
N GLU A 62 0.78 -18.32 2.87
CA GLU A 62 0.68 -19.29 1.79
C GLU A 62 -0.60 -20.12 1.86
N ASP A 63 -0.92 -20.64 3.05
CA ASP A 63 -2.11 -21.48 3.21
C ASP A 63 -3.41 -20.69 3.34
N VAL A 64 -3.31 -19.38 3.52
CA VAL A 64 -4.48 -18.53 3.70
C VAL A 64 -4.95 -17.93 2.37
N TYR A 65 -3.99 -17.50 1.54
CA TYR A 65 -4.33 -16.75 0.32
C TYR A 65 -4.10 -17.54 -0.97
N SER A 66 -4.03 -18.86 -0.86
CA SER A 66 -3.84 -19.72 -2.02
C SER A 66 -5.18 -20.15 -2.60
N GLU A 67 -5.16 -20.42 -3.91
CA GLU A 67 -6.33 -20.93 -4.61
C GLU A 67 -5.84 -21.75 -5.82
N GLU A 68 -6.64 -22.71 -6.24
CA GLU A 68 -6.27 -23.52 -7.41
C GLU A 68 -6.50 -22.72 -8.70
N LYS A 69 -6.05 -23.29 -9.81
CA LYS A 69 -6.22 -22.70 -11.15
C LYS A 69 -5.43 -21.39 -11.35
N GLY A 70 -4.53 -21.08 -10.40
CA GLY A 70 -3.72 -19.87 -10.47
C GLY A 70 -4.50 -18.57 -10.30
N ASP A 71 -5.69 -18.65 -9.70
CA ASP A 71 -6.55 -17.47 -9.54
C ASP A 71 -5.96 -16.41 -8.62
N MET A 72 -5.06 -16.79 -7.71
CA MET A 72 -4.41 -15.82 -6.82
C MET A 72 -2.93 -15.60 -7.17
N TYR A 73 -2.47 -16.13 -8.29
CA TYR A 73 -1.09 -15.92 -8.69
C TYR A 73 -0.95 -14.58 -9.41
N MET A 74 -0.58 -13.57 -8.63
CA MET A 74 -0.41 -12.20 -9.11
C MET A 74 0.53 -11.49 -8.13
N PRO A 75 1.05 -10.31 -8.52
CA PRO A 75 1.95 -9.59 -7.62
C PRO A 75 1.26 -9.18 -6.32
N PHE A 76 2.03 -9.26 -5.23
CA PHE A 76 1.63 -8.82 -3.89
C PHE A 76 2.69 -7.80 -3.46
N PHE A 77 2.46 -6.53 -3.77
CA PHE A 77 3.41 -5.45 -3.53
C PHE A 77 3.22 -5.02 -2.09
N THR A 78 4.21 -5.27 -1.26
CA THR A 78 4.07 -4.98 0.15
C THR A 78 5.15 -4.07 0.70
N VAL A 79 4.89 -3.56 1.91
CA VAL A 79 5.84 -2.79 2.67
C VAL A 79 5.80 -3.30 4.11
N LEU A 80 6.79 -2.90 4.90
CA LEU A 80 6.82 -3.22 6.31
C LEU A 80 6.10 -2.17 7.12
N GLY A 81 5.49 -2.63 8.21
CA GLY A 81 4.99 -1.74 9.23
C GLY A 81 5.74 -1.98 10.53
N THR A 82 5.34 -1.26 11.57
CA THR A 82 6.08 -1.30 12.83
C THR A 82 6.14 -2.69 13.43
N ARG A 83 5.08 -3.49 13.23
CA ARG A 83 5.05 -4.85 13.75
C ARG A 83 6.08 -5.76 13.09
N ASP A 84 6.41 -5.49 11.83
CA ASP A 84 7.40 -6.28 11.11
C ASP A 84 8.84 -5.97 11.56
N TRP A 85 9.08 -4.70 11.88
CA TRP A 85 10.40 -4.22 12.30
C TRP A 85 10.87 -4.72 13.67
N THR A 86 9.96 -5.22 14.49
CA THR A 86 10.33 -5.78 15.78
C THR A 86 10.74 -7.25 15.67
N GLY A 87 10.62 -7.82 14.46
CA GLY A 87 11.09 -9.19 14.21
C GLY A 87 12.21 -9.21 13.18
N ASN A 88 12.28 -10.29 12.41
CA ASN A 88 13.32 -10.45 11.39
C ASN A 88 12.88 -9.73 10.11
N TYR A 89 13.07 -8.41 10.10
CA TYR A 89 12.68 -7.57 8.98
C TYR A 89 13.44 -7.95 7.70
N ASN A 90 14.72 -8.30 7.84
CA ASN A 90 15.58 -8.64 6.71
C ASN A 90 15.09 -9.89 5.96
N ALA A 91 14.52 -10.84 6.69
CA ALA A 91 13.92 -12.02 6.08
C ALA A 91 12.79 -11.66 5.12
N GLN A 92 11.98 -10.67 5.47
CA GLN A 92 10.90 -10.24 4.58
C GLN A 92 11.44 -9.57 3.32
N LEU A 93 12.54 -8.86 3.46
CA LEU A 93 13.24 -8.25 2.32
C LEU A 93 13.81 -9.32 1.39
N LEU A 94 14.46 -10.34 1.96
CA LEU A 94 15.07 -11.42 1.16
CA LEU A 94 15.07 -11.38 1.15
C LEU A 94 14.00 -12.20 0.39
N LYS A 95 12.87 -12.45 1.05
CA LYS A 95 11.74 -13.06 0.36
C LYS A 95 11.24 -12.15 -0.78
N GLY A 96 11.33 -10.83 -0.55
CA GLY A 96 10.83 -9.82 -1.48
C GLY A 96 11.61 -9.64 -2.77
N GLN A 97 12.80 -10.23 -2.82
CA GLN A 97 13.60 -10.32 -4.03
C GLN A 97 13.19 -11.55 -4.83
N GLY A 98 13.44 -12.73 -4.25
CA GLY A 98 13.25 -14.01 -4.96
C GLY A 98 14.56 -14.54 -5.49
N ASP A 114 8.79 -20.56 -11.77
CA ASP A 114 7.80 -21.52 -11.30
C ASP A 114 6.70 -20.84 -10.49
N ALA A 115 5.45 -21.02 -10.96
CA ALA A 115 4.30 -20.36 -10.35
C ALA A 115 3.89 -21.01 -9.03
N THR A 116 3.13 -20.26 -8.24
CA THR A 116 2.61 -20.75 -6.98
C THR A 116 1.09 -20.59 -6.94
N ASN A 117 0.44 -21.24 -5.97
CA ASN A 117 -1.00 -21.09 -5.74
C ASN A 117 -1.34 -19.79 -5.00
N TYR A 118 -0.33 -19.16 -4.42
CA TYR A 118 -0.51 -17.92 -3.64
C TYR A 118 0.16 -16.74 -4.34
N PRO A 119 -0.14 -15.50 -3.92
CA PRO A 119 0.42 -14.36 -4.65
C PRO A 119 1.94 -14.25 -4.53
N LYS A 120 2.57 -13.63 -5.52
CA LYS A 120 4.03 -13.48 -5.54
C LYS A 120 4.44 -12.30 -4.64
N TRP A 121 5.18 -12.60 -3.59
CA TRP A 121 5.64 -11.62 -2.61
C TRP A 121 6.69 -10.70 -3.26
N ILE A 122 6.38 -9.40 -3.33
CA ILE A 122 7.26 -8.42 -3.95
C ILE A 122 7.59 -7.33 -2.93
N MET A 123 8.87 -7.20 -2.61
CA MET A 123 9.35 -6.09 -1.77
C MET A 123 10.86 -5.98 -2.01
N PRO A 124 11.25 -5.31 -3.12
CA PRO A 124 12.67 -5.27 -3.54
C PRO A 124 13.55 -4.42 -2.62
N ASN A 125 12.92 -3.53 -1.86
CA ASN A 125 13.56 -2.71 -0.84
C ASN A 125 12.45 -2.25 0.11
N TYR A 126 12.84 -1.66 1.24
CA TYR A 126 11.87 -1.17 2.22
C TYR A 126 11.01 -0.04 1.64
N TRP A 127 11.56 0.68 0.67
CA TRP A 127 10.83 1.67 -0.12
C TRP A 127 11.18 1.45 -1.60
N TYR A 128 10.22 1.68 -2.48
CA TYR A 128 10.39 1.42 -3.91
C TYR A 128 9.21 2.00 -4.72
N HIS A 129 9.19 1.72 -6.01
CA HIS A 129 8.11 2.22 -6.87
C HIS A 129 7.78 1.19 -7.93
N TYR A 130 6.59 1.35 -8.51
CA TYR A 130 6.11 0.51 -9.61
C TYR A 130 5.31 1.43 -10.53
N PHE A 131 5.80 1.61 -11.75
CA PHE A 131 5.12 2.44 -12.73
C PHE A 131 4.51 1.52 -13.75
N THR A 132 3.25 1.76 -14.09
CA THR A 132 2.55 0.96 -15.07
C THR A 132 1.63 1.84 -15.93
N HIS A 133 0.92 1.21 -16.84
CA HIS A 133 0.03 1.92 -17.75
C HIS A 133 -1.06 1.00 -18.27
N PHE A 134 -2.14 1.59 -18.77
CA PHE A 134 -3.21 0.85 -19.40
C PHE A 134 -3.88 1.69 -20.48
N THR A 135 -4.55 1.02 -21.42
CA THR A 135 -5.19 1.69 -22.56
C THR A 135 -6.66 2.00 -22.27
N VAL A 136 -7.13 3.15 -22.75
CA VAL A 136 -8.53 3.55 -22.62
C VAL A 136 -9.09 4.02 -23.98
N SER A 137 -10.41 4.15 -24.05
CA SER A 137 -11.09 4.58 -25.29
C SER A 137 -11.48 6.06 -25.23
N HIS A 147 -7.36 3.70 -27.61
CA HIS A 147 -6.45 4.52 -28.41
C HIS A 147 -5.54 5.41 -27.56
N LYS A 148 -5.90 5.61 -26.29
CA LYS A 148 -5.19 6.51 -25.37
C LYS A 148 -4.62 5.72 -24.19
N ASP A 149 -3.41 6.08 -23.75
CA ASP A 149 -2.76 5.39 -22.64
C ASP A 149 -2.73 6.26 -21.38
N LEU A 150 -3.11 5.67 -20.25
CA LEU A 150 -3.00 6.33 -18.95
C LEU A 150 -1.93 5.62 -18.11
N ALA A 151 -1.12 6.39 -17.40
CA ALA A 151 -0.01 5.88 -16.61
C ALA A 151 -0.31 6.02 -15.13
N ALA A 152 0.05 5.01 -14.35
CA ALA A 152 -0.16 5.00 -12.90
C ALA A 152 1.18 4.76 -12.20
N ALA A 153 1.50 5.64 -11.25
CA ALA A 153 2.69 5.49 -10.43
C ALA A 153 2.28 5.03 -9.04
N PHE A 154 2.81 3.89 -8.63
CA PHE A 154 2.64 3.36 -7.27
C PHE A 154 3.95 3.56 -6.54
N ILE A 155 3.90 4.30 -5.43
CA ILE A 155 5.08 4.59 -4.64
C ILE A 155 4.91 3.95 -3.26
N PHE A 156 5.88 3.14 -2.88
CA PHE A 156 5.81 2.38 -1.64
C PHE A 156 6.82 2.94 -0.65
N ILE A 157 6.32 3.33 0.53
CA ILE A 157 7.17 3.96 1.55
C ILE A 157 7.21 3.14 2.82
N ASP A 158 8.31 3.27 3.54
CA ASP A 158 8.45 2.71 4.87
C ASP A 158 8.35 3.87 5.86
N THR A 159 7.20 3.97 6.51
CA THR A 159 6.96 5.10 7.39
C THR A 159 7.79 5.05 8.68
N TRP A 160 8.34 3.89 9.05
CA TRP A 160 9.22 3.84 10.20
C TRP A 160 10.61 4.36 9.85
N VAL A 161 11.12 3.96 8.68
CA VAL A 161 12.39 4.51 8.15
C VAL A 161 12.36 6.03 8.05
N LEU A 162 11.21 6.57 7.63
CA LEU A 162 11.03 8.01 7.47
C LEU A 162 10.86 8.75 8.80
N SER A 163 10.61 8.01 9.88
CA SER A 163 10.38 8.60 11.20
C SER A 163 11.68 9.00 11.89
N SER A 164 11.55 9.78 12.96
CA SER A 164 12.70 10.23 13.73
C SER A 164 13.31 9.13 14.62
N ASN A 165 12.60 8.01 14.80
CA ASN A 165 13.12 6.89 15.61
C ASN A 165 14.07 5.95 14.87
N PHE A 166 14.08 6.03 13.54
CA PHE A 166 14.98 5.19 12.77
C PHE A 166 16.43 5.59 13.06
N PRO A 167 17.24 4.64 13.53
CA PRO A 167 18.55 4.99 14.07
C PRO A 167 19.65 5.26 13.05
N TYR A 168 19.48 4.80 11.81
CA TYR A 168 20.46 5.02 10.74
C TYR A 168 20.09 6.28 9.96
N LYS A 169 20.78 7.39 10.26
CA LYS A 169 20.40 8.68 9.69
C LYS A 169 20.63 8.78 8.16
N LYS A 170 21.70 8.18 7.66
CA LYS A 170 21.97 8.20 6.20
C LYS A 170 20.90 7.44 5.41
N ILE A 171 20.45 6.32 5.96
CA ILE A 171 19.40 5.52 5.32
C ILE A 171 18.08 6.27 5.38
N HIS A 172 17.80 6.87 6.53
CA HIS A 172 16.64 7.73 6.70
C HIS A 172 16.62 8.88 5.67
N GLU A 173 17.76 9.54 5.46
CA GLU A 173 17.84 10.62 4.48
C GLU A 173 17.70 10.12 3.03
N LYS A 174 18.28 8.96 2.75
CA LYS A 174 18.19 8.37 1.41
C LYS A 174 16.74 8.03 1.08
N ALA A 175 16.02 7.48 2.05
CA ALA A 175 14.60 7.16 1.86
C ALA A 175 13.77 8.41 1.54
N TRP A 176 14.04 9.52 2.26
CA TRP A 176 13.35 10.77 1.99
C TRP A 176 13.72 11.31 0.60
N ASN A 177 15.01 11.28 0.26
CA ASN A 177 15.46 11.80 -1.03
C ASN A 177 14.94 10.97 -2.19
N ASP A 178 14.90 9.66 -2.03
CA ASP A 178 14.31 8.78 -3.06
C ASP A 178 12.83 9.09 -3.26
N LEU A 179 12.10 9.27 -2.16
CA LEU A 179 10.68 9.64 -2.21
C LEU A 179 10.47 10.93 -3.02
N LYS A 180 11.30 11.94 -2.74
CA LYS A 180 11.23 13.20 -3.46
C LYS A 180 11.51 13.01 -4.96
N SER A 181 12.48 12.17 -5.27
CA SER A 181 12.81 11.85 -6.67
C SER A 181 11.65 11.13 -7.36
N GLN A 182 11.10 10.12 -6.70
CA GLN A 182 9.95 9.39 -7.24
C GLN A 182 8.75 10.32 -7.53
N LEU A 183 8.44 11.22 -6.61
CA LEU A 183 7.30 12.12 -6.79
C LEU A 183 7.57 13.13 -7.90
N SER A 184 8.82 13.60 -7.99
CA SER A 184 9.23 14.52 -9.05
C SER A 184 9.04 13.93 -10.44
N VAL A 185 9.34 12.63 -10.58
CA VAL A 185 9.14 11.93 -11.86
C VAL A 185 7.65 11.68 -12.10
N ALA A 186 6.94 11.21 -11.07
CA ALA A 186 5.52 10.90 -11.20
C ALA A 186 4.72 12.11 -11.67
N LYS A 187 5.08 13.30 -11.16
CA LYS A 187 4.48 14.58 -11.58
C LYS A 187 4.53 14.80 -13.08
N LYS A 188 5.61 14.33 -13.70
CA LYS A 188 5.85 14.56 -15.12
C LYS A 188 5.25 13.49 -16.03
N ILE A 189 5.03 12.27 -15.51
CA ILE A 189 4.63 11.16 -16.40
C ILE A 189 3.42 10.33 -15.97
N ALA A 190 2.87 10.57 -14.78
CA ALA A 190 1.78 9.74 -14.27
C ALA A 190 0.45 10.48 -14.19
N ASP A 191 -0.59 9.88 -14.75
CA ASP A 191 -1.96 10.42 -14.67
C ASP A 191 -2.58 10.13 -13.31
N PHE A 192 -2.12 9.05 -12.69
CA PHE A 192 -2.53 8.64 -11.35
C PHE A 192 -1.28 8.40 -10.49
N ILE A 193 -1.30 8.87 -9.25
CA ILE A 193 -0.21 8.60 -8.30
C ILE A 193 -0.82 8.09 -7.00
N ILE A 194 -0.39 6.90 -6.60
CA ILE A 194 -0.89 6.22 -5.42
C ILE A 194 0.30 5.89 -4.52
N VAL A 195 0.22 6.29 -3.26
CA VAL A 195 1.27 6.01 -2.30
C VAL A 195 0.73 5.02 -1.27
N VAL A 196 1.57 4.06 -0.88
CA VAL A 196 1.20 2.98 0.04
C VAL A 196 2.21 2.93 1.18
N GLY A 197 1.72 2.92 2.42
CA GLY A 197 2.59 2.87 3.58
C GLY A 197 1.90 2.27 4.78
N ASP A 198 2.58 2.31 5.92
CA ASP A 198 2.03 1.75 7.17
C ASP A 198 1.21 2.81 7.95
N GLN A 199 1.89 3.84 8.44
CA GLN A 199 1.28 4.84 9.30
C GLN A 199 0.47 5.90 8.51
N PRO A 200 -0.82 6.09 8.86
CA PRO A 200 -1.58 7.17 8.25
C PRO A 200 -1.14 8.56 8.67
N ILE A 201 -1.32 9.53 7.78
CA ILE A 201 -1.17 10.94 8.10
C ILE A 201 -2.42 11.37 8.89
N TYR A 202 -3.59 11.02 8.37
CA TYR A 202 -4.87 11.37 8.99
C TYR A 202 -5.65 10.10 9.27
N SER A 203 -6.20 10.00 10.48
CA SER A 203 -6.97 8.82 10.89
C SER A 203 -7.86 9.11 12.07
N SER A 204 -9.10 8.63 12.00
CA SER A 204 -10.03 8.66 13.13
C SER A 204 -9.81 7.44 14.05
N GLY A 205 -8.92 6.55 13.65
CA GLY A 205 -8.61 5.34 14.42
C GLY A 205 -7.64 5.60 15.57
N TYR A 206 -7.12 4.51 16.14
CA TYR A 206 -6.39 4.58 17.41
C TYR A 206 -5.20 5.54 17.43
N SER A 207 -4.38 5.49 16.39
CA SER A 207 -3.18 6.34 16.33
C SER A 207 -3.51 7.82 16.21
N ARG A 208 -4.70 8.13 15.68
CA ARG A 208 -5.12 9.50 15.37
C ARG A 208 -4.26 10.20 14.30
N GLY A 209 -3.55 9.42 13.50
CA GLY A 209 -2.69 9.97 12.46
C GLY A 209 -1.30 10.31 12.97
N SER A 210 -0.60 11.14 12.21
CA SER A 210 0.77 11.52 12.51
C SER A 210 1.02 12.97 12.13
N SER A 211 1.15 13.86 13.11
CA SER A 211 1.50 15.26 12.83
C SER A 211 2.88 15.37 12.16
N TYR A 212 3.78 14.47 12.54
CA TYR A 212 5.10 14.38 11.90
C TYR A 212 4.98 14.16 10.39
N LEU A 213 4.20 13.16 9.98
CA LEU A 213 3.98 12.93 8.55
C LEU A 213 3.16 14.07 7.93
N ALA A 214 2.23 14.64 8.69
CA ALA A 214 1.50 15.83 8.22
C ALA A 214 2.44 16.99 7.89
N TYR A 215 3.48 17.16 8.69
CA TYR A 215 4.42 18.27 8.47
C TYR A 215 5.44 17.97 7.37
N TYR A 216 5.96 16.74 7.33
CA TYR A 216 7.05 16.38 6.40
C TYR A 216 6.62 15.63 5.15
N LEU A 217 5.65 14.73 5.25
CA LEU A 217 5.28 13.87 4.12
C LEU A 217 4.20 14.58 3.29
N LEU A 218 3.16 15.07 3.97
CA LEU A 218 1.98 15.62 3.27
C LEU A 218 2.29 16.72 2.25
N PRO A 219 3.18 17.67 2.58
CA PRO A 219 3.49 18.72 1.61
C PRO A 219 4.08 18.20 0.29
N LEU A 220 4.87 17.13 0.37
CA LEU A 220 5.40 16.47 -0.84
C LEU A 220 4.29 15.83 -1.66
N LEU A 221 3.33 15.22 -0.99
CA LEU A 221 2.21 14.56 -1.67
C LEU A 221 1.33 15.59 -2.37
N LYS A 222 1.06 16.70 -1.69
CA LYS A 222 0.23 17.77 -2.25
C LYS A 222 0.92 18.45 -3.42
N ASP A 223 2.23 18.68 -3.30
CA ASP A 223 3.01 19.29 -4.37
C ASP A 223 2.97 18.43 -5.65
N ALA A 224 2.95 17.11 -5.47
CA ALA A 224 2.90 16.18 -6.60
C ALA A 224 1.48 15.81 -7.05
N GLU A 225 0.46 16.37 -6.41
CA GLU A 225 -0.95 16.10 -6.74
C GLU A 225 -1.30 14.61 -6.66
N VAL A 226 -0.81 13.98 -5.60
CA VAL A 226 -1.09 12.58 -5.33
C VAL A 226 -2.59 12.36 -5.16
N ASP A 227 -3.08 11.25 -5.70
CA ASP A 227 -4.50 10.93 -5.66
C ASP A 227 -4.91 10.25 -4.35
N LEU A 228 -4.19 9.19 -4.00
CA LEU A 228 -4.48 8.36 -2.83
C LEU A 228 -3.22 8.11 -2.00
N TYR A 229 -3.35 8.25 -0.68
CA TYR A 229 -2.36 7.67 0.23
C TYR A 229 -3.08 6.56 0.99
N ILE A 230 -2.68 5.32 0.73
CA ILE A 230 -3.27 4.14 1.34
C ILE A 230 -2.38 3.64 2.47
N SER A 231 -2.93 3.59 3.68
CA SER A 231 -2.17 3.18 4.85
C SER A 231 -2.94 2.13 5.64
N GLY A 232 -2.32 1.62 6.68
CA GLY A 232 -2.91 0.61 7.55
C GLY A 232 -2.69 1.05 8.98
N HIS A 233 -2.09 0.18 9.78
CA HIS A 233 -1.66 0.47 11.14
C HIS A 233 -2.83 0.53 12.11
N ASP A 234 -3.76 1.45 11.87
CA ASP A 234 -5.03 1.46 12.59
C ASP A 234 -5.93 0.38 11.99
N ASN A 235 -6.48 -0.46 12.86
CA ASN A 235 -7.21 -1.65 12.43
C ASN A 235 -8.66 -1.35 12.14
N ASN A 236 -8.86 -0.58 11.07
CA ASN A 236 -10.18 -0.16 10.63
C ASN A 236 -10.11 0.22 9.16
N MET A 237 -11.26 0.57 8.61
CA MET A 237 -11.33 1.12 7.26
C MET A 237 -11.82 2.55 7.37
N GLU A 238 -11.27 3.41 6.52
CA GLU A 238 -11.67 4.82 6.52
C GLU A 238 -11.27 5.51 5.22
N VAL A 239 -12.04 6.52 4.84
CA VAL A 239 -11.59 7.48 3.85
C VAL A 239 -11.79 8.90 4.37
N ILE A 240 -10.69 9.65 4.38
CA ILE A 240 -10.66 11.08 4.71
C ILE A 240 -10.24 11.81 3.45
N GLU A 241 -11.05 12.77 3.00
CA GLU A 241 -10.74 13.49 1.77
C GLU A 241 -10.48 14.95 2.06
N ASP A 242 -9.35 15.45 1.54
CA ASP A 242 -8.89 16.80 1.80
C ASP A 242 -8.05 17.29 0.62
N ASN A 243 -8.48 18.39 -0.01
CA ASN A 243 -7.74 19.01 -1.12
C ASN A 243 -7.50 18.06 -2.30
N ASP A 244 -8.55 17.35 -2.71
CA ASP A 244 -8.50 16.40 -3.84
C ASP A 244 -7.50 15.25 -3.64
N MET A 245 -7.16 14.96 -2.40
CA MET A 245 -6.38 13.77 -2.06
C MET A 245 -7.20 12.93 -1.09
N ALA A 246 -7.30 11.63 -1.38
CA ALA A 246 -7.98 10.70 -0.51
C ALA A 246 -6.95 9.99 0.38
N HIS A 247 -7.19 10.01 1.69
CA HIS A 247 -6.43 9.23 2.63
C HIS A 247 -7.27 8.01 2.97
N ILE A 248 -6.77 6.84 2.61
CA ILE A 248 -7.50 5.62 2.81
C ILE A 248 -6.78 4.77 3.84
N THR A 249 -7.49 4.41 4.90
CA THR A 249 -7.00 3.42 5.85
C THR A 249 -7.63 2.07 5.51
N CYS A 250 -6.78 1.07 5.40
CA CYS A 250 -7.18 -0.29 5.09
C CYS A 250 -6.34 -1.20 5.96
N GLY A 251 -6.61 -1.16 7.27
CA GLY A 251 -5.80 -1.87 8.27
C GLY A 251 -6.50 -3.00 9.00
N SER A 252 -7.66 -3.43 8.48
CA SER A 252 -8.44 -4.44 9.18
C SER A 252 -8.47 -5.79 8.43
N GLY A 253 -7.33 -6.18 7.88
CA GLY A 253 -7.22 -7.47 7.19
C GLY A 253 -7.38 -8.70 8.09
N SER A 254 -7.08 -8.55 9.38
CA SER A 254 -7.22 -9.67 10.34
C SER A 254 -7.86 -9.28 11.69
N MET A 255 -7.84 -8.00 12.03
CA MET A 255 -8.27 -7.51 13.35
C MET A 255 -9.08 -6.26 13.20
N SER A 256 -9.89 -6.01 14.22
CA SER A 256 -10.73 -4.83 14.29
C SER A 256 -10.54 -4.14 15.63
N GLN A 257 -10.34 -2.83 15.60
CA GLN A 257 -10.45 -2.03 16.81
C GLN A 257 -11.53 -1.00 16.53
N GLY A 258 -12.40 -0.80 17.53
CA GLY A 258 -13.71 -0.15 17.37
C GLY A 258 -13.71 1.25 16.81
N LYS A 259 -14.82 1.96 17.01
CA LYS A 259 -15.04 3.25 16.34
C LYS A 259 -14.14 4.41 16.81
N SER A 260 -13.53 4.27 17.98
CA SER A 260 -12.66 5.31 18.56
C SER A 260 -13.49 6.51 18.99
N GLY A 261 -12.81 7.63 19.28
CA GLY A 261 -13.48 8.86 19.71
C GLY A 261 -14.16 9.61 18.58
N MET A 262 -13.98 10.93 18.54
CA MET A 262 -14.66 11.79 17.57
C MET A 262 -14.01 11.69 16.19
N LYS A 263 -14.83 11.51 15.15
CA LYS A 263 -14.34 11.33 13.79
C LYS A 263 -13.59 12.57 13.29
N ASN A 264 -12.60 12.36 12.44
CA ASN A 264 -11.95 13.45 11.72
C ASN A 264 -13.02 14.24 10.95
N SER A 265 -12.90 15.56 10.96
CA SER A 265 -13.94 16.44 10.37
C SER A 265 -14.12 16.22 8.86
N LYS A 266 -13.09 15.70 8.19
CA LYS A 266 -13.15 15.39 6.76
C LYS A 266 -13.27 13.89 6.47
N SER A 267 -13.64 13.11 7.48
CA SER A 267 -13.92 11.70 7.27
C SER A 267 -15.25 11.54 6.54
N LEU A 268 -15.22 10.75 5.46
CA LEU A 268 -16.41 10.47 4.67
C LEU A 268 -17.03 9.11 5.03
N PHE A 269 -16.21 8.23 5.56
CA PHE A 269 -16.63 6.89 5.91
C PHE A 269 -15.65 6.29 6.89
N PHE A 270 -16.18 5.58 7.88
CA PHE A 270 -15.37 4.85 8.83
C PHE A 270 -16.07 3.55 9.21
N SER A 271 -15.31 2.46 9.27
CA SER A 271 -15.83 1.18 9.75
C SER A 271 -14.74 0.38 10.47
N SER A 272 -15.11 -0.23 11.59
CA SER A 272 -14.20 -1.10 12.32
C SER A 272 -14.28 -2.54 11.79
N ASP A 273 -15.12 -2.80 10.79
CA ASP A 273 -15.26 -4.13 10.21
C ASP A 273 -13.92 -4.66 9.66
N ILE A 274 -13.70 -5.96 9.83
CA ILE A 274 -12.61 -6.66 9.16
C ILE A 274 -12.95 -6.69 7.68
N GLY A 275 -11.99 -6.34 6.84
CA GLY A 275 -12.27 -6.22 5.41
C GLY A 275 -11.07 -5.83 4.57
N PHE A 276 -11.35 -5.26 3.41
CA PHE A 276 -10.32 -4.90 2.44
C PHE A 276 -10.89 -3.93 1.43
N CYS A 277 -10.05 -3.42 0.53
CA CYS A 277 -10.50 -2.52 -0.53
C CYS A 277 -10.22 -3.07 -1.92
N VAL A 278 -11.08 -2.70 -2.86
CA VAL A 278 -10.82 -2.92 -4.27
C VAL A 278 -10.87 -1.56 -4.97
N HIS A 279 -9.88 -1.30 -5.82
CA HIS A 279 -9.73 0.01 -6.45
C HIS A 279 -9.74 -0.18 -7.95
N GLU A 280 -10.40 0.74 -8.65
CA GLU A 280 -10.50 0.70 -10.10
CA GLU A 280 -10.52 0.70 -10.10
C GLU A 280 -10.05 2.04 -10.70
N LEU A 281 -9.01 2.00 -11.52
CA LEU A 281 -8.54 3.19 -12.25
C LEU A 281 -9.15 3.16 -13.63
N SER A 282 -9.71 4.29 -14.07
CA SER A 282 -10.33 4.39 -15.38
C SER A 282 -10.11 5.78 -15.98
N ASN A 283 -10.66 6.01 -17.17
CA ASN A 283 -10.57 7.33 -17.81
C ASN A 283 -11.18 8.44 -16.96
N ASN A 284 -12.15 8.08 -16.11
CA ASN A 284 -12.86 9.05 -15.28
C ASN A 284 -12.25 9.30 -13.91
N GLY A 285 -11.45 8.37 -13.41
CA GLY A 285 -10.81 8.54 -12.12
C GLY A 285 -10.60 7.24 -11.38
N ILE A 286 -10.70 7.31 -10.05
CA ILE A 286 -10.49 6.16 -9.18
C ILE A 286 -11.74 5.87 -8.36
N VAL A 287 -12.23 4.64 -8.48
CA VAL A 287 -13.34 4.17 -7.65
C VAL A 287 -12.77 3.18 -6.66
N THR A 288 -13.00 3.43 -5.37
CA THR A 288 -12.57 2.55 -4.31
C THR A 288 -13.78 1.94 -3.63
N LYS A 289 -13.81 0.62 -3.53
CA LYS A 289 -14.89 -0.10 -2.85
C LYS A 289 -14.36 -0.72 -1.56
N PHE A 290 -15.01 -0.38 -0.45
CA PHE A 290 -14.67 -0.93 0.85
C PHE A 290 -15.56 -2.13 1.11
N VAL A 291 -14.94 -3.29 1.33
CA VAL A 291 -15.65 -4.55 1.48
C VAL A 291 -15.54 -5.04 2.91
N SER A 292 -16.69 -5.32 3.51
CA SER A 292 -16.77 -5.88 4.86
C SER A 292 -16.92 -7.38 4.81
N SER A 293 -16.11 -8.08 5.61
CA SER A 293 -16.15 -9.54 5.74
C SER A 293 -17.38 -10.06 6.48
N LYS A 294 -18.20 -9.16 7.02
CA LYS A 294 -19.40 -9.57 7.75
C LYS A 294 -20.26 -10.45 6.86
N LYS A 295 -20.56 -9.96 5.65
CA LYS A 295 -21.24 -10.77 4.63
C LYS A 295 -20.77 -10.49 3.20
N GLY A 296 -19.53 -10.02 3.07
CA GLY A 296 -18.94 -9.76 1.76
C GLY A 296 -19.61 -8.63 1.02
N GLU A 297 -20.12 -7.65 1.76
CA GLU A 297 -20.85 -6.54 1.20
C GLU A 297 -19.94 -5.32 1.02
N VAL A 298 -20.11 -4.63 -0.12
CA VAL A 298 -19.48 -3.34 -0.33
C VAL A 298 -20.25 -2.33 0.52
N ILE A 299 -19.60 -1.81 1.55
CA ILE A 299 -20.29 -0.92 2.50
C ILE A 299 -20.01 0.56 2.27
N TYR A 300 -19.07 0.85 1.36
CA TYR A 300 -18.85 2.24 0.92
C TYR A 300 -18.13 2.26 -0.42
N THR A 301 -18.54 3.18 -1.28
CA THR A 301 -17.89 3.40 -2.56
C THR A 301 -17.45 4.86 -2.65
N HIS A 302 -16.13 5.06 -2.76
CA HIS A 302 -15.56 6.40 -2.88
C HIS A 302 -15.10 6.63 -4.31
N LYS A 303 -15.44 7.78 -4.87
CA LYS A 303 -15.06 8.14 -6.23
C LYS A 303 -14.24 9.42 -6.23
N LEU A 304 -13.07 9.35 -6.85
CA LEU A 304 -12.18 10.49 -6.99
C LEU A 304 -12.01 10.78 -8.50
N ASN A 305 -12.28 12.01 -8.91
CA ASN A 305 -12.13 12.40 -10.31
C ASN A 305 -10.67 12.44 -10.73
N ILE A 306 -10.39 12.05 -11.98
CA ILE A 306 -9.04 12.17 -12.53
C ILE A 306 -8.66 13.65 -12.58
N LYS A 307 -7.39 13.94 -12.27
CA LYS A 307 -6.93 15.33 -12.24
C LYS A 307 -6.56 15.79 -13.63
N LYS A 308 -6.80 17.08 -13.90
CA LYS A 308 -6.36 17.72 -15.14
C LYS A 308 -5.02 18.41 -14.86
N LYS A 309 -3.92 17.74 -15.19
CA LYS A 309 -2.59 18.19 -14.80
C LYS A 309 -1.95 19.06 -15.88
N LYS A 310 -1.25 20.11 -15.46
CA LYS A 310 -0.47 20.98 -16.36
C LYS A 310 1.03 20.70 -16.27
N THR A 311 1.40 19.78 -15.39
CA THR A 311 2.80 19.45 -15.15
C THR A 311 3.31 18.30 -16.04
N LEU A 312 2.41 17.60 -16.73
CA LEU A 312 2.81 16.40 -17.49
C LEU A 312 3.69 16.72 -18.69
N ASP A 313 4.64 15.83 -18.94
CA ASP A 313 5.59 15.97 -20.03
C ASP A 313 5.86 14.58 -20.59
N LYS A 314 4.79 13.91 -21.00
CA LYS A 314 4.86 12.51 -21.42
C LYS A 314 5.66 12.29 -22.71
N VAL A 315 5.79 13.32 -23.53
CA VAL A 315 6.63 13.23 -24.74
C VAL A 315 8.08 12.88 -24.39
N ASN A 316 8.53 13.27 -23.19
CA ASN A 316 9.89 12.96 -22.73
C ASN A 316 9.88 12.01 -21.54
N ALA A 317 8.97 11.04 -21.57
CA ALA A 317 8.80 10.10 -20.45
C ALA A 317 10.10 9.38 -20.10
N LEU A 318 10.78 8.85 -21.12
CA LEU A 318 12.04 8.09 -20.90
C LEU A 318 13.05 8.88 -20.09
N GLN A 319 13.20 10.15 -20.42
CA GLN A 319 14.17 11.01 -19.75
C GLN A 319 13.81 11.20 -18.28
N HIS A 320 12.52 11.21 -17.99
CA HIS A 320 12.04 11.29 -16.60
C HIS A 320 12.18 9.95 -15.88
N PHE A 321 11.89 8.83 -16.54
CA PHE A 321 12.17 7.51 -15.97
C PHE A 321 13.64 7.40 -15.55
N ALA A 322 14.52 8.00 -16.36
CA ALA A 322 15.97 7.96 -16.10
C ALA A 322 16.38 8.74 -14.84
N ALA A 323 15.49 9.58 -14.30
CA ALA A 323 15.74 10.32 -13.06
C ALA A 323 15.25 9.59 -11.82
N LEU A 324 14.59 8.44 -11.99
CA LEU A 324 14.14 7.66 -10.84
C LEU A 324 15.33 7.09 -10.09
N PRO A 325 15.21 6.96 -8.76
CA PRO A 325 16.29 6.36 -8.00
C PRO A 325 16.38 4.86 -8.25
N ASN A 326 17.59 4.32 -8.19
CA ASN A 326 17.79 2.89 -8.34
CA ASN A 326 17.79 2.89 -8.35
C ASN A 326 17.10 2.14 -7.20
N VAL A 327 16.47 1.02 -7.51
CA VAL A 327 15.84 0.20 -6.48
C VAL A 327 16.84 -0.85 -6.06
N GLU A 328 17.52 -0.58 -4.94
CA GLU A 328 18.51 -1.51 -4.41
C GLU A 328 18.08 -1.94 -3.02
N LEU A 329 18.22 -3.23 -2.71
CA LEU A 329 17.97 -3.72 -1.36
C LEU A 329 18.96 -3.06 -0.42
N THR A 330 18.45 -2.53 0.69
CA THR A 330 19.29 -1.88 1.69
C THR A 330 19.63 -2.83 2.80
N ASP A 331 20.91 -2.95 3.13
CA ASP A 331 21.33 -3.70 4.31
C ASP A 331 21.14 -2.81 5.53
N VAL A 332 20.31 -3.27 6.46
CA VAL A 332 20.08 -2.59 7.73
C VAL A 332 20.51 -3.56 8.84
N PRO A 333 21.80 -3.49 9.26
CA PRO A 333 22.31 -4.40 10.28
C PRO A 333 21.56 -4.24 11.60
N SER A 334 21.16 -5.35 12.21
CA SER A 334 20.34 -5.29 13.44
C SER A 334 21.09 -4.70 14.64
N SER A 335 22.43 -4.73 14.60
CA SER A 335 23.26 -4.17 15.67
C SER A 335 23.17 -2.65 15.84
N GLY A 336 22.72 -1.95 14.80
CA GLY A 336 22.62 -0.49 14.84
C GLY A 336 23.90 0.18 14.39
N PRO A 337 23.88 1.51 14.27
CA PRO A 337 25.03 2.27 13.73
C PRO A 337 26.22 2.32 14.70
N MET A 338 27.42 2.26 14.13
CA MET A 338 28.67 2.44 14.87
C MET A 338 29.48 3.56 14.22
N GLY A 339 30.20 4.31 15.06
CA GLY A 339 31.03 5.43 14.58
C GLY A 339 30.20 6.59 14.08
S SO4 B . 15.86 -19.30 9.16
O1 SO4 B . 16.08 -20.42 8.25
O2 SO4 B . 16.95 -19.26 10.13
O3 SO4 B . 15.83 -18.05 8.40
O4 SO4 B . 14.58 -19.47 9.84
S SO4 C . 24.34 6.74 10.43
O1 SO4 C . 25.24 5.63 10.71
O2 SO4 C . 25.10 7.98 10.28
O3 SO4 C . 23.62 6.48 9.18
O4 SO4 C . 23.39 6.89 11.54
CO CO D . 14.81 13.58 9.33
S SO4 E . -10.53 -14.87 17.22
O1 SO4 E . -10.22 -15.78 16.14
O2 SO4 E . -9.32 -14.13 17.59
O3 SO4 E . -11.57 -13.93 16.80
O4 SO4 E . -11.00 -15.63 18.38
S DMS F . 6.10 -16.44 0.13
O DMS F . 7.43 -16.51 -1.09
C1 DMS F . 6.49 -17.47 1.56
C2 DMS F . 6.12 -14.82 0.91
CO CO G . 1.15 3.19 16.39
#